data_8C1F
#
_entry.id   8C1F
#
_cell.length_a   81.440
_cell.length_b   81.440
_cell.length_c   172.010
_cell.angle_alpha   90.000
_cell.angle_beta   90.000
_cell.angle_gamma   120.000
#
_symmetry.space_group_name_H-M   'P 61 2 2'
#
loop_
_entity.id
_entity.type
_entity.pdbx_description
1 polymer 'Aurora kinase A'
2 non-polymer "ADENOSINE-5'-DIPHOSPHATE"
3 non-polymer 'MAGNESIUM ION'
4 non-polymer GLYCEROL
5 non-polymer '(1~{R},2~{R})-cyclohexane-1,2-dicarboxylic acid'
6 non-polymer 'SULFATE ION'
7 non-polymer 'DIMETHYL SULFOXIDE'
8 non-polymer 4-(4-chlorophenyl)-~{N}-cyclopropylsulfonyl-7-methyl-1~{H}-indole-6-carboxamide
9 water water
#
_entity_poly.entity_id   1
_entity_poly.type   'polypeptide(L)'
_entity_poly.pdbx_seq_one_letter_code
;MGRQWALEDFEIGRPLGKGKFGNVYLAREKQSKFILALKVLFKAQLEKAGVEHQLRREVEIQSHLRHPNILRLYGYFHDA
TRVYLILEYAPLGTVYRELQKLSKFDEQRTATYITELANALSYCHSKRVIHRDIKPENLLLGSAGELKIADFGWSVHAPS
SRRTTLAGTLDYLPPEMIEGRMHDEKVDLWSLGVLCYEFLVGKPPFEANTYQETYKRISRVEFTFPDFVTEGARDLISRL
LKHNPSQRPMLREVLEHPWITANSS
;
_entity_poly.pdbx_strand_id   A
#
loop_
_chem_comp.id
_chem_comp.type
_chem_comp.name
_chem_comp.formula
ADP non-polymer ADENOSINE-5'-DIPHOSPHATE 'C10 H15 N5 O10 P2'
DMS non-polymer 'DIMETHYL SULFOXIDE' 'C2 H6 O S'
GOL non-polymer GLYCEROL 'C3 H8 O3'
MG non-polymer 'MAGNESIUM ION' 'Mg 2'
SO4 non-polymer 'SULFATE ION' 'O4 S -2'
T2O non-polymer 4-(4-chlorophenyl)-~{N}-cyclopropylsulfonyl-7-methyl-1~{H}-indole-6-carboxamide 'C19 H17 Cl N2 O3 S'
T5L non-polymer '(1~{R},2~{R})-cyclohexane-1,2-dicarboxylic acid' 'C8 H12 O4'
#
# COMPACT_ATOMS: atom_id res chain seq x y z
N ARG A 3 12.55 22.46 2.79
CA ARG A 3 13.33 23.60 3.29
C ARG A 3 12.87 24.94 2.72
N GLN A 4 12.47 24.97 1.42
CA GLN A 4 11.91 26.18 0.83
C GLN A 4 10.47 26.38 1.35
N TRP A 5 9.70 25.28 1.48
CA TRP A 5 8.34 25.31 2.01
C TRP A 5 8.30 25.44 3.52
N ALA A 6 7.28 26.13 4.01
CA ALA A 6 7.02 26.31 5.44
C ALA A 6 5.49 26.20 5.64
N LEU A 7 5.01 26.03 6.89
CA LEU A 7 3.58 25.88 7.20
C LEU A 7 2.78 27.09 6.73
N GLU A 8 3.37 28.30 6.89
CA GLU A 8 2.77 29.56 6.46
C GLU A 8 2.42 29.62 4.95
N ASP A 9 3.00 28.70 4.14
CA ASP A 9 2.72 28.68 2.71
C ASP A 9 1.38 27.98 2.38
N PHE A 10 0.74 27.35 3.38
CA PHE A 10 -0.45 26.53 3.16
C PHE A 10 -1.65 26.91 4.00
N GLU A 11 -2.84 26.84 3.40
CA GLU A 11 -4.10 26.96 4.13
C GLU A 11 -4.49 25.52 4.43
N ILE A 12 -4.84 25.22 5.66
CA ILE A 12 -5.17 23.87 6.06
C ILE A 12 -6.68 23.66 6.10
N GLY A 13 -7.10 22.53 5.52
CA GLY A 13 -8.50 22.11 5.45
C GLY A 13 -8.76 20.98 6.40
N ARG A 14 -9.75 20.17 6.06
CA ARG A 14 -10.15 19.07 6.91
C ARG A 14 -9.16 17.91 6.97
N PRO A 15 -9.17 17.16 8.08
CA PRO A 15 -8.38 15.93 8.15
C PRO A 15 -8.85 14.98 7.03
N LEU A 16 -7.92 14.28 6.40
CA LEU A 16 -8.25 13.33 5.35
C LEU A 16 -8.19 11.93 5.88
N GLY A 17 -7.40 11.74 6.93
CA GLY A 17 -7.25 10.42 7.52
C GLY A 17 -6.25 10.43 8.65
N LYS A 18 -6.29 9.41 9.47
CA LYS A 18 -5.36 9.41 10.56
C LYS A 18 -4.22 8.45 10.32
N GLY A 19 -3.04 8.88 10.75
CA GLY A 19 -1.84 8.09 10.63
C GLY A 19 -1.34 7.59 11.97
N LYS A 20 -0.36 6.73 11.91
CA LYS A 20 0.28 6.14 13.07
C LYS A 20 1.03 7.21 13.87
N PHE A 21 1.67 8.16 13.18
CA PHE A 21 2.49 9.21 13.80
C PHE A 21 1.95 10.65 13.68
N GLY A 22 0.70 10.80 13.23
CA GLY A 22 0.03 12.08 13.12
C GLY A 22 -1.24 11.94 12.29
N ASN A 23 -1.57 12.95 11.49
CA ASN A 23 -2.75 12.97 10.65
C ASN A 23 -2.40 13.55 9.31
N VAL A 24 -3.23 13.28 8.31
CA VAL A 24 -3.05 13.83 6.97
C VAL A 24 -4.17 14.81 6.80
N TYR A 25 -3.85 16.02 6.29
CA TYR A 25 -4.85 17.03 6.08
C TYR A 25 -4.92 17.44 4.65
N LEU A 26 -6.10 17.91 4.23
CA LEU A 26 -6.22 18.58 2.94
C LEU A 26 -5.57 19.98 3.10
N ALA A 27 -4.92 20.50 2.06
CA ALA A 27 -4.29 21.81 2.22
C ALA A 27 -4.27 22.48 0.88
N ARG A 28 -4.09 23.80 0.87
CA ARG A 28 -3.97 24.50 -0.38
C ARG A 28 -2.74 25.38 -0.31
N GLU A 29 -1.88 25.33 -1.34
CA GLU A 29 -0.72 26.23 -1.35
C GLU A 29 -1.24 27.66 -1.72
N LYS A 30 -0.93 28.66 -0.89
CA LYS A 30 -1.42 30.04 -1.01
C LYS A 30 -1.15 30.77 -2.31
N GLN A 31 0.07 30.71 -2.86
CA GLN A 31 0.42 31.43 -4.09
C GLN A 31 -0.20 30.85 -5.36
N SER A 32 -0.18 29.52 -5.50
CA SER A 32 -0.66 28.84 -6.70
C SER A 32 -2.10 28.34 -6.61
N LYS A 33 -2.65 28.26 -5.39
CA LYS A 33 -3.94 27.68 -5.06
C LYS A 33 -3.93 26.13 -5.30
N PHE A 34 -2.74 25.50 -5.33
CA PHE A 34 -2.59 24.05 -5.55
C PHE A 34 -3.14 23.25 -4.38
N ILE A 35 -4.18 22.42 -4.61
CA ILE A 35 -4.74 21.55 -3.56
C ILE A 35 -3.84 20.33 -3.46
N LEU A 36 -3.50 19.96 -2.23
CA LEU A 36 -2.60 18.85 -1.99
C LEU A 36 -2.93 18.26 -0.66
N ALA A 37 -2.16 17.26 -0.20
CA ALA A 37 -2.35 16.65 1.12
C ALA A 37 -1.04 16.84 1.94
N LEU A 38 -1.17 17.20 3.20
CA LEU A 38 -0.06 17.36 4.13
C LEU A 38 -0.12 16.27 5.14
N LYS A 39 0.86 15.33 5.10
CA LYS A 39 0.97 14.22 6.05
C LYS A 39 1.85 14.80 7.20
N VAL A 40 1.24 15.02 8.37
CA VAL A 40 1.88 15.66 9.52
C VAL A 40 2.29 14.57 10.51
N LEU A 41 3.57 14.55 10.91
CA LEU A 41 4.13 13.57 11.82
C LEU A 41 4.78 14.31 13.02
N PHE A 42 4.54 13.83 14.24
CA PHE A 42 5.09 14.46 15.45
C PHE A 42 6.47 13.97 15.76
N LYS A 43 7.43 14.90 15.84
CA LYS A 43 8.85 14.59 16.12
C LYS A 43 9.06 13.73 17.38
N ALA A 44 8.35 14.06 18.48
CA ALA A 44 8.45 13.34 19.75
C ALA A 44 8.05 11.86 19.62
N GLN A 45 6.95 11.57 18.87
CA GLN A 45 6.50 10.20 18.64
C GLN A 45 7.46 9.43 17.73
N LEU A 46 7.97 10.08 16.66
CA LEU A 46 8.94 9.43 15.76
C LEU A 46 10.26 9.10 16.52
N GLU A 47 10.75 10.06 17.34
CA GLU A 47 11.96 9.89 18.18
C GLU A 47 11.73 8.73 19.17
N LYS A 48 10.60 8.76 19.92
CA LYS A 48 10.22 7.68 20.85
C LYS A 48 10.23 6.29 20.18
N ALA A 49 9.73 6.20 18.92
CA ALA A 49 9.72 4.95 18.16
C ALA A 49 11.06 4.64 17.51
N GLY A 50 11.95 5.65 17.44
CA GLY A 50 13.25 5.52 16.80
C GLY A 50 13.12 5.25 15.31
N VAL A 51 12.12 5.91 14.70
CA VAL A 51 11.85 5.69 13.29
C VAL A 51 12.23 6.90 12.43
N GLU A 52 13.07 7.83 12.94
CA GLU A 52 13.50 9.03 12.19
C GLU A 52 14.18 8.71 10.86
N HIS A 53 15.04 7.67 10.83
N HIS A 53 15.04 7.68 10.81
CA HIS A 53 15.77 7.20 9.66
CA HIS A 53 15.74 7.27 9.58
C HIS A 53 14.78 6.61 8.61
C HIS A 53 14.76 6.63 8.58
N GLN A 54 13.76 5.88 9.09
CA GLN A 54 12.69 5.33 8.25
C GLN A 54 11.82 6.61 8.27
N LEU A 55 11.41 7.13 7.18
CA LEU A 55 10.74 8.47 7.14
C LEU A 55 11.65 9.26 6.27
N ARG A 56 12.95 9.39 6.64
CA ARG A 56 13.95 10.01 5.77
C ARG A 56 13.88 9.13 4.51
N ARG A 57 13.82 7.79 4.71
CA ARG A 57 13.74 6.79 3.65
C ARG A 57 12.38 6.82 2.89
N GLU A 58 11.23 6.92 3.60
CA GLU A 58 9.89 7.06 2.97
C GLU A 58 9.96 8.26 1.98
N VAL A 59 10.53 9.38 2.42
CA VAL A 59 10.73 10.60 1.63
C VAL A 59 11.63 10.38 0.42
N GLU A 60 12.85 9.90 0.68
CA GLU A 60 13.84 9.62 -0.35
C GLU A 60 13.27 8.65 -1.41
N ILE A 61 12.67 7.54 -1.00
CA ILE A 61 12.14 6.57 -1.96
C ILE A 61 10.95 7.13 -2.78
N GLN A 62 9.91 7.60 -2.10
CA GLN A 62 8.71 8.08 -2.78
C GLN A 62 8.93 9.29 -3.67
N SER A 63 9.81 10.23 -3.27
CA SER A 63 10.07 11.46 -4.03
C SER A 63 10.64 11.22 -5.42
N HIS A 64 11.33 10.07 -5.62
CA HIS A 64 11.94 9.73 -6.90
C HIS A 64 11.06 8.83 -7.76
N LEU A 65 9.88 8.40 -7.26
CA LEU A 65 8.96 7.58 -8.05
C LEU A 65 8.05 8.47 -8.88
N ARG A 66 7.83 8.10 -10.15
CA ARG A 66 6.98 8.83 -11.09
C ARG A 66 6.22 7.80 -11.89
N HIS A 67 5.00 7.53 -11.48
CA HIS A 67 4.13 6.57 -12.16
C HIS A 67 2.69 7.01 -11.93
N PRO A 68 1.79 6.88 -12.94
CA PRO A 68 0.40 7.32 -12.74
C PRO A 68 -0.35 6.58 -11.64
N ASN A 69 0.11 5.39 -11.23
CA ASN A 69 -0.52 4.59 -10.19
C ASN A 69 0.29 4.59 -8.89
N ILE A 70 1.13 5.60 -8.71
CA ILE A 70 1.93 5.78 -7.49
C ILE A 70 1.66 7.22 -7.04
N LEU A 71 1.22 7.39 -5.77
CA LEU A 71 0.97 8.73 -5.23
C LEU A 71 2.26 9.56 -5.20
N ARG A 72 2.21 10.82 -5.69
CA ARG A 72 3.40 11.66 -5.69
C ARG A 72 3.70 12.25 -4.32
N LEU A 73 5.00 12.42 -4.01
CA LEU A 73 5.47 13.12 -2.83
C LEU A 73 6.25 14.28 -3.43
N TYR A 74 5.77 15.51 -3.26
CA TYR A 74 6.38 16.71 -3.84
C TYR A 74 7.54 17.29 -3.08
N GLY A 75 7.55 17.10 -1.76
CA GLY A 75 8.59 17.64 -0.89
C GLY A 75 8.25 17.41 0.56
N TYR A 76 9.02 18.06 1.44
CA TYR A 76 8.80 17.99 2.87
C TYR A 76 9.41 19.23 3.49
N PHE A 77 9.05 19.47 4.74
CA PHE A 77 9.61 20.53 5.58
C PHE A 77 9.34 20.12 7.00
N HIS A 78 9.91 20.83 7.96
CA HIS A 78 9.71 20.50 9.36
C HIS A 78 9.88 21.70 10.23
N ASP A 79 9.35 21.62 11.45
CA ASP A 79 9.47 22.70 12.41
C ASP A 79 9.91 22.12 13.75
N ALA A 80 9.73 22.86 14.84
CA ALA A 80 10.15 22.41 16.15
C ALA A 80 9.48 21.11 16.60
N THR A 81 8.20 20.92 16.23
CA THR A 81 7.46 19.75 16.71
C THR A 81 6.99 18.75 15.65
N ARG A 82 6.99 19.15 14.36
CA ARG A 82 6.42 18.30 13.32
C ARG A 82 7.22 18.19 12.06
N VAL A 83 7.02 17.07 11.33
CA VAL A 83 7.55 16.83 9.98
C VAL A 83 6.30 16.81 9.08
N TYR A 84 6.40 17.44 7.92
CA TYR A 84 5.31 17.60 6.98
C TYR A 84 5.72 17.08 5.65
N LEU A 85 4.99 16.08 5.14
CA LEU A 85 5.22 15.53 3.81
C LEU A 85 4.15 16.11 2.88
N ILE A 86 4.59 16.69 1.76
CA ILE A 86 3.69 17.32 0.79
C ILE A 86 3.31 16.26 -0.22
N LEU A 87 2.05 15.80 -0.20
CA LEU A 87 1.61 14.71 -1.07
C LEU A 87 0.57 15.16 -2.09
N GLU A 88 0.45 14.39 -3.17
CA GLU A 88 -0.62 14.58 -4.13
C GLU A 88 -1.92 14.21 -3.36
N TYR A 89 -2.97 15.02 -3.48
CA TYR A 89 -4.28 14.74 -2.89
C TYR A 89 -4.98 13.69 -3.79
N ALA A 90 -5.47 12.57 -3.19
CA ALA A 90 -6.24 11.52 -3.91
C ALA A 90 -7.69 11.81 -3.60
N PRO A 91 -8.45 12.46 -4.53
CA PRO A 91 -9.81 12.94 -4.18
C PRO A 91 -10.86 11.89 -3.87
N LEU A 92 -10.72 10.62 -4.35
CA LEU A 92 -11.77 9.64 -4.12
C LEU A 92 -11.49 8.71 -2.94
N GLY A 93 -10.54 9.11 -2.07
CA GLY A 93 -10.27 8.37 -0.85
C GLY A 93 -9.60 7.03 -0.99
N THR A 94 -9.77 6.19 0.01
CA THR A 94 -9.08 4.90 0.04
C THR A 94 -9.90 3.79 -0.58
N VAL A 95 -9.21 2.75 -1.05
CA VAL A 95 -9.84 1.51 -1.51
C VAL A 95 -10.50 0.85 -0.25
N TYR A 96 -9.90 1.05 0.95
CA TYR A 96 -10.42 0.57 2.24
C TYR A 96 -11.90 0.96 2.42
N ARG A 97 -12.19 2.27 2.30
CA ARG A 97 -13.53 2.84 2.44
C ARG A 97 -14.51 2.32 1.38
N GLU A 98 -14.07 2.20 0.11
CA GLU A 98 -14.89 1.66 -0.97
C GLU A 98 -15.33 0.22 -0.67
N LEU A 99 -14.41 -0.60 -0.13
CA LEU A 99 -14.66 -1.99 0.25
C LEU A 99 -15.63 -2.09 1.42
N GLN A 100 -15.56 -1.18 2.38
CA GLN A 100 -16.49 -1.14 3.52
C GLN A 100 -17.93 -0.87 3.03
N LYS A 101 -18.08 0.07 2.08
CA LYS A 101 -19.32 0.51 1.44
C LYS A 101 -19.95 -0.59 0.57
N LEU A 102 -19.15 -1.21 -0.29
CA LEU A 102 -19.58 -2.22 -1.24
C LEU A 102 -19.59 -3.66 -0.71
N SER A 103 -18.91 -3.92 0.44
CA SER A 103 -18.68 -5.22 1.10
C SER A 103 -17.63 -6.06 0.34
N LYS A 104 -17.77 -6.20 -0.97
CA LYS A 104 -16.82 -6.89 -1.86
C LYS A 104 -16.93 -6.29 -3.25
N PHE A 105 -15.90 -6.47 -4.08
CA PHE A 105 -15.87 -5.97 -5.45
C PHE A 105 -16.17 -7.10 -6.42
N ASP A 106 -16.70 -6.73 -7.60
CA ASP A 106 -16.92 -7.73 -8.63
C ASP A 106 -15.58 -8.06 -9.27
N GLU A 107 -15.57 -9.05 -10.15
CA GLU A 107 -14.33 -9.49 -10.78
C GLU A 107 -13.67 -8.46 -11.66
N GLN A 108 -14.48 -7.62 -12.30
CA GLN A 108 -13.99 -6.57 -13.19
C GLN A 108 -13.33 -5.46 -12.40
N ARG A 109 -13.94 -5.03 -11.29
CA ARG A 109 -13.31 -3.98 -10.46
C ARG A 109 -12.04 -4.54 -9.83
N THR A 110 -12.10 -5.83 -9.35
CA THR A 110 -10.94 -6.48 -8.75
C THR A 110 -9.79 -6.55 -9.73
N ALA A 111 -10.02 -7.14 -10.93
CA ALA A 111 -8.99 -7.29 -11.95
C ALA A 111 -8.35 -5.98 -12.35
N THR A 112 -9.15 -4.92 -12.45
CA THR A 112 -8.65 -3.60 -12.85
C THR A 112 -7.67 -3.08 -11.81
N TYR A 113 -8.09 -3.06 -10.53
CA TYR A 113 -7.23 -2.67 -9.40
C TYR A 113 -5.93 -3.49 -9.36
N ILE A 114 -6.03 -4.84 -9.51
CA ILE A 114 -4.86 -5.74 -9.50
C ILE A 114 -3.90 -5.38 -10.64
N THR A 115 -4.41 -5.01 -11.85
CA THR A 115 -3.57 -4.56 -12.98
C THR A 115 -2.83 -3.27 -12.59
N GLU A 116 -3.58 -2.25 -12.12
CA GLU A 116 -3.01 -0.95 -11.72
C GLU A 116 -1.93 -1.09 -10.66
N LEU A 117 -2.16 -1.96 -9.68
CA LEU A 117 -1.22 -2.29 -8.60
C LEU A 117 0.00 -3.03 -9.16
N ALA A 118 -0.22 -4.07 -10.03
CA ALA A 118 0.86 -4.83 -10.63
C ALA A 118 1.79 -3.93 -11.45
N ASN A 119 1.21 -2.97 -12.20
CA ASN A 119 2.00 -2.01 -12.97
C ASN A 119 2.82 -1.08 -12.08
N ALA A 120 2.20 -0.57 -10.99
CA ALA A 120 2.90 0.31 -10.06
C ALA A 120 4.02 -0.47 -9.37
N LEU A 121 3.76 -1.71 -9.00
CA LEU A 121 4.73 -2.57 -8.33
C LEU A 121 5.86 -2.98 -9.27
N SER A 122 5.58 -3.14 -10.57
CA SER A 122 6.59 -3.49 -11.60
C SER A 122 7.66 -2.37 -11.68
N TYR A 123 7.20 -1.12 -11.71
CA TYR A 123 8.02 0.10 -11.73
C TYR A 123 8.85 0.19 -10.43
N CYS A 124 8.25 -0.15 -9.28
CA CYS A 124 8.91 -0.13 -7.99
C CYS A 124 10.05 -1.11 -7.94
N HIS A 125 9.75 -2.36 -8.33
CA HIS A 125 10.68 -3.48 -8.29
C HIS A 125 11.84 -3.29 -9.27
N SER A 126 11.64 -2.49 -10.34
CA SER A 126 12.65 -2.12 -11.34
C SER A 126 13.76 -1.27 -10.68
N LYS A 127 13.40 -0.55 -9.62
CA LYS A 127 14.30 0.32 -8.83
C LYS A 127 14.67 -0.40 -7.54
N ARG A 128 14.36 -1.71 -7.47
CA ARG A 128 14.59 -2.59 -6.32
C ARG A 128 13.82 -2.06 -5.08
N VAL A 129 12.81 -1.21 -5.29
CA VAL A 129 12.02 -0.66 -4.17
C VAL A 129 10.96 -1.68 -3.79
N ILE A 130 10.89 -2.07 -2.49
CA ILE A 130 9.85 -2.95 -1.94
C ILE A 130 8.96 -2.02 -1.13
N HIS A 131 7.65 -2.03 -1.38
CA HIS A 131 6.74 -1.16 -0.62
C HIS A 131 6.53 -1.71 0.83
N ARG A 132 6.23 -3.02 0.94
CA ARG A 132 6.04 -3.83 2.16
C ARG A 132 4.78 -3.55 3.00
N ASP A 133 3.94 -2.58 2.61
CA ASP A 133 2.77 -2.23 3.41
C ASP A 133 1.56 -2.03 2.48
N ILE A 134 1.47 -2.90 1.49
CA ILE A 134 0.40 -2.91 0.50
C ILE A 134 -0.85 -3.44 1.24
N LYS A 135 -1.84 -2.55 1.43
CA LYS A 135 -3.08 -2.89 2.12
C LYS A 135 -4.14 -1.87 1.69
N PRO A 136 -5.45 -2.14 1.84
CA PRO A 136 -6.47 -1.21 1.31
C PRO A 136 -6.43 0.24 1.80
N GLU A 137 -6.00 0.52 3.04
CA GLU A 137 -5.96 1.90 3.58
C GLU A 137 -4.81 2.71 2.96
N ASN A 138 -3.86 1.99 2.34
CA ASN A 138 -2.70 2.60 1.64
C ASN A 138 -2.84 2.68 0.13
N LEU A 139 -4.05 2.38 -0.38
CA LEU A 139 -4.37 2.40 -1.79
C LEU A 139 -5.42 3.46 -1.98
N LEU A 140 -5.03 4.53 -2.62
CA LEU A 140 -5.92 5.68 -2.77
C LEU A 140 -6.47 5.79 -4.18
N LEU A 141 -7.51 6.60 -4.36
CA LEU A 141 -8.20 6.76 -5.65
C LEU A 141 -8.11 8.14 -6.23
N GLY A 142 -7.59 8.23 -7.44
CA GLY A 142 -7.45 9.48 -8.16
C GLY A 142 -8.80 9.99 -8.67
N SER A 143 -8.81 11.12 -9.36
CA SER A 143 -10.07 11.73 -9.83
C SER A 143 -10.89 10.85 -10.80
N ALA A 144 -10.21 9.99 -11.59
CA ALA A 144 -10.90 9.05 -12.50
C ALA A 144 -11.13 7.67 -11.84
N GLY A 145 -10.91 7.58 -10.54
CA GLY A 145 -11.06 6.33 -9.80
C GLY A 145 -9.93 5.34 -10.01
N GLU A 146 -8.80 5.80 -10.55
CA GLU A 146 -7.62 4.97 -10.76
C GLU A 146 -6.87 4.75 -9.42
N LEU A 147 -6.32 3.54 -9.23
CA LEU A 147 -5.62 3.19 -7.99
C LEU A 147 -4.28 3.90 -7.90
N LYS A 148 -3.91 4.34 -6.68
CA LYS A 148 -2.63 4.97 -6.44
C LYS A 148 -2.03 4.37 -5.18
N ILE A 149 -0.87 3.74 -5.33
CA ILE A 149 -0.14 3.16 -4.19
C ILE A 149 0.39 4.34 -3.38
N ALA A 150 0.08 4.37 -2.08
CA ALA A 150 0.55 5.43 -1.22
C ALA A 150 1.16 4.80 0.03
N ASP A 151 1.57 5.64 0.98
CA ASP A 151 2.15 5.22 2.23
C ASP A 151 3.41 4.33 2.08
N PHE A 152 4.52 4.98 1.76
CA PHE A 152 5.83 4.37 1.60
C PHE A 152 6.60 4.35 2.93
N GLY A 153 5.86 4.49 4.03
CA GLY A 153 6.39 4.53 5.38
C GLY A 153 7.30 3.40 5.77
N TRP A 154 7.07 2.19 5.23
CA TRP A 154 7.88 1.00 5.51
C TRP A 154 8.68 0.52 4.30
N SER A 155 8.74 1.33 3.22
CA SER A 155 9.44 0.95 2.01
C SER A 155 10.96 0.88 2.22
N VAL A 156 11.59 -0.06 1.52
CA VAL A 156 13.04 -0.29 1.60
C VAL A 156 13.58 -0.65 0.22
N HIS A 157 14.91 -0.72 0.10
CA HIS A 157 15.53 -1.24 -1.12
C HIS A 157 15.82 -2.73 -0.83
N ALA A 158 15.56 -3.56 -1.83
CA ALA A 158 15.69 -5.01 -1.78
C ALA A 158 17.16 -5.45 -2.04
N PRO A 159 17.69 -6.44 -1.27
CA PRO A 159 17.05 -7.20 -0.17
C PRO A 159 17.13 -6.47 1.16
N SER A 160 16.43 -6.95 2.23
CA SER A 160 16.38 -6.22 3.50
C SER A 160 16.03 -7.07 4.75
N SER A 161 15.79 -6.36 5.90
CA SER A 161 15.28 -6.78 7.20
C SER A 161 14.65 -5.55 7.96
N ARG A 162 13.79 -5.83 8.97
CA ARG A 162 13.12 -4.82 9.81
C ARG A 162 12.82 -5.37 11.20
N GLY A 168 -0.01 -2.37 12.42
CA GLY A 168 -1.28 -3.06 12.70
C GLY A 168 -1.21 -4.57 12.61
N THR A 169 -2.26 -5.19 12.00
CA THR A 169 -2.38 -6.65 11.90
C THR A 169 -1.32 -7.24 10.98
N LEU A 170 -1.12 -8.57 11.07
CA LEU A 170 -0.18 -9.25 10.19
C LEU A 170 -0.86 -9.63 8.86
N ASP A 171 -2.16 -9.29 8.66
CA ASP A 171 -2.98 -9.74 7.50
C ASP A 171 -2.33 -9.69 6.14
N TYR A 172 -1.48 -8.68 5.88
CA TYR A 172 -0.89 -8.49 4.55
C TYR A 172 0.56 -8.91 4.45
N LEU A 173 1.14 -9.29 5.60
CA LEU A 173 2.55 -9.65 5.66
C LEU A 173 2.85 -11.11 5.30
N PRO A 174 3.85 -11.35 4.43
CA PRO A 174 4.22 -12.74 4.08
C PRO A 174 4.96 -13.46 5.21
N PRO A 175 5.03 -14.81 5.16
CA PRO A 175 5.75 -15.58 6.20
C PRO A 175 7.17 -15.11 6.54
N GLU A 176 8.00 -14.82 5.53
CA GLU A 176 9.39 -14.37 5.69
C GLU A 176 9.50 -13.06 6.47
N MET A 177 8.52 -12.15 6.31
CA MET A 177 8.52 -10.90 7.07
C MET A 177 8.05 -11.16 8.50
N ILE A 178 7.05 -12.04 8.65
CA ILE A 178 6.44 -12.44 9.91
C ILE A 178 7.46 -13.12 10.86
N GLU A 179 8.42 -13.87 10.27
CA GLU A 179 9.47 -14.59 10.99
C GLU A 179 10.70 -13.70 11.26
N GLY A 180 10.74 -12.51 10.65
CA GLY A 180 11.87 -11.60 10.78
C GLY A 180 13.07 -12.00 9.93
N ARG A 181 12.82 -12.84 8.91
CA ARG A 181 13.85 -13.31 7.98
C ARG A 181 14.12 -12.27 6.89
N MET A 182 15.16 -12.52 6.05
CA MET A 182 15.53 -11.68 4.92
C MET A 182 14.44 -11.79 3.86
N HIS A 183 14.19 -10.69 3.13
CA HIS A 183 13.14 -10.61 2.12
C HIS A 183 13.50 -9.69 0.97
N ASP A 184 12.86 -9.92 -0.18
CA ASP A 184 13.03 -9.12 -1.39
C ASP A 184 11.65 -8.66 -1.90
N GLU A 185 11.55 -8.36 -3.20
CA GLU A 185 10.37 -7.88 -3.91
C GLU A 185 9.18 -8.82 -3.87
N LYS A 186 9.43 -10.12 -3.58
CA LYS A 186 8.42 -11.16 -3.53
C LYS A 186 7.41 -10.93 -2.43
N VAL A 187 7.78 -10.11 -1.43
CA VAL A 187 6.85 -9.78 -0.35
C VAL A 187 5.65 -9.04 -0.93
N ASP A 188 5.86 -8.19 -1.95
CA ASP A 188 4.75 -7.43 -2.52
C ASP A 188 3.86 -8.32 -3.39
N LEU A 189 4.43 -9.43 -3.92
CA LEU A 189 3.62 -10.37 -4.71
C LEU A 189 2.64 -11.11 -3.80
N TRP A 190 3.08 -11.43 -2.57
CA TRP A 190 2.23 -12.07 -1.54
C TRP A 190 1.08 -11.12 -1.16
N SER A 191 1.40 -9.85 -0.90
CA SER A 191 0.40 -8.83 -0.53
C SER A 191 -0.64 -8.67 -1.61
N LEU A 192 -0.21 -8.78 -2.88
CA LEU A 192 -1.10 -8.70 -4.04
C LEU A 192 -2.12 -9.84 -4.03
N GLY A 193 -1.69 -11.05 -3.62
CA GLY A 193 -2.57 -12.20 -3.50
C GLY A 193 -3.56 -12.03 -2.36
N VAL A 194 -3.10 -11.46 -1.24
CA VAL A 194 -3.97 -11.18 -0.08
C VAL A 194 -5.10 -10.18 -0.52
N LEU A 195 -4.71 -9.14 -1.23
CA LEU A 195 -5.58 -8.06 -1.72
C LEU A 195 -6.60 -8.56 -2.72
N CYS A 196 -6.16 -9.39 -3.67
CA CYS A 196 -7.06 -9.99 -4.65
C CYS A 196 -8.15 -10.78 -3.95
N TYR A 197 -7.76 -11.59 -2.94
CA TYR A 197 -8.74 -12.34 -2.16
C TYR A 197 -9.64 -11.38 -1.41
N GLU A 198 -9.06 -10.40 -0.69
CA GLU A 198 -9.88 -9.47 0.06
C GLU A 198 -10.89 -8.66 -0.80
N PHE A 199 -10.49 -8.23 -1.98
CA PHE A 199 -11.37 -7.53 -2.91
C PHE A 199 -12.54 -8.42 -3.32
N LEU A 200 -12.31 -9.71 -3.54
CA LEU A 200 -13.39 -10.59 -3.98
C LEU A 200 -14.24 -11.11 -2.83
N VAL A 201 -13.63 -11.35 -1.68
CA VAL A 201 -14.33 -11.97 -0.54
C VAL A 201 -14.82 -10.98 0.48
N GLY A 202 -14.13 -9.85 0.62
CA GLY A 202 -14.51 -8.84 1.60
C GLY A 202 -13.68 -8.89 2.87
N LYS A 203 -12.85 -9.93 3.00
CA LYS A 203 -11.95 -10.07 4.15
C LYS A 203 -10.69 -10.75 3.71
N PRO A 204 -9.54 -10.40 4.33
CA PRO A 204 -8.26 -11.01 3.92
C PRO A 204 -8.25 -12.51 4.25
N PRO A 205 -7.51 -13.36 3.51
CA PRO A 205 -7.58 -14.81 3.73
C PRO A 205 -7.06 -15.39 5.06
N PHE A 206 -6.27 -14.61 5.83
CA PHE A 206 -5.71 -15.11 7.09
C PHE A 206 -6.25 -14.39 8.29
N GLU A 207 -7.34 -13.63 8.10
CA GLU A 207 -8.01 -12.83 9.12
C GLU A 207 -8.44 -13.69 10.30
N ALA A 208 -8.16 -13.20 11.53
CA ALA A 208 -8.50 -13.90 12.78
C ALA A 208 -8.68 -12.91 13.92
N ASN A 209 -9.14 -13.42 15.06
CA ASN A 209 -9.44 -12.65 16.27
C ASN A 209 -8.20 -12.20 16.97
N THR A 210 -7.12 -12.92 16.78
CA THR A 210 -5.88 -12.65 17.48
C THR A 210 -4.82 -12.71 16.49
N TYR A 211 -3.72 -12.04 16.82
CA TYR A 211 -2.45 -11.94 16.08
C TYR A 211 -1.84 -13.34 16.00
N GLN A 212 -1.97 -14.09 17.10
CA GLN A 212 -1.34 -15.41 17.21
C GLN A 212 -1.96 -16.42 16.24
N GLU A 213 -3.28 -16.39 16.11
CA GLU A 213 -4.07 -17.21 15.18
C GLU A 213 -3.73 -16.83 13.69
N THR A 214 -3.62 -15.49 13.38
CA THR A 214 -3.25 -15.00 12.05
C THR A 214 -1.84 -15.44 11.71
N TYR A 215 -0.88 -15.30 12.66
CA TYR A 215 0.50 -15.71 12.42
C TYR A 215 0.56 -17.20 11.96
N LYS A 216 -0.15 -18.06 12.68
CA LYS A 216 -0.22 -19.53 12.41
C LYS A 216 -0.83 -19.78 11.01
N ARG A 217 -1.93 -19.09 10.69
CA ARG A 217 -2.56 -19.21 9.37
C ARG A 217 -1.62 -18.82 8.24
N ILE A 218 -0.83 -17.76 8.41
CA ILE A 218 0.13 -17.31 7.38
C ILE A 218 1.29 -18.29 7.24
N SER A 219 1.88 -18.68 8.37
CA SER A 219 3.01 -19.60 8.41
C SER A 219 2.64 -20.93 7.66
N ARG A 220 1.43 -21.40 7.89
CA ARG A 220 0.88 -22.63 7.28
C ARG A 220 0.33 -22.41 5.87
N VAL A 221 0.06 -21.14 5.47
CA VAL A 221 -0.63 -20.74 4.23
C VAL A 221 -2.00 -21.45 4.27
N GLU A 222 -2.67 -21.34 5.41
CA GLU A 222 -3.93 -21.97 5.71
C GLU A 222 -5.12 -21.03 5.45
N PHE A 223 -5.74 -21.18 4.27
CA PHE A 223 -6.92 -20.42 3.88
C PHE A 223 -7.83 -21.23 2.92
N THR A 224 -9.11 -20.88 2.92
CA THR A 224 -10.12 -21.49 2.04
C THR A 224 -10.86 -20.38 1.31
N PHE A 225 -11.40 -20.70 0.12
CA PHE A 225 -12.19 -19.77 -0.64
C PHE A 225 -13.68 -20.03 -0.47
N PRO A 226 -14.55 -18.98 -0.42
CA PRO A 226 -16.00 -19.23 -0.48
C PRO A 226 -16.35 -19.80 -1.87
N ASP A 227 -17.54 -20.41 -2.02
CA ASP A 227 -17.85 -21.06 -3.32
C ASP A 227 -17.97 -20.11 -4.52
N PHE A 228 -18.37 -18.85 -4.29
CA PHE A 228 -18.56 -17.87 -5.36
C PHE A 228 -17.26 -17.44 -6.05
N VAL A 229 -16.10 -17.70 -5.44
CA VAL A 229 -14.82 -17.35 -6.06
C VAL A 229 -14.59 -18.27 -7.23
N THR A 230 -14.44 -17.68 -8.43
CA THR A 230 -14.27 -18.41 -9.68
C THR A 230 -12.94 -19.13 -9.76
N GLU A 231 -12.83 -20.09 -10.69
CA GLU A 231 -11.66 -20.93 -10.88
C GLU A 231 -10.40 -20.11 -11.23
N GLY A 232 -10.53 -19.15 -12.14
CA GLY A 232 -9.44 -18.27 -12.58
C GLY A 232 -8.94 -17.37 -11.46
N ALA A 233 -9.87 -16.91 -10.58
CA ALA A 233 -9.53 -16.08 -9.42
C ALA A 233 -8.77 -16.95 -8.40
N ARG A 234 -9.24 -18.18 -8.19
CA ARG A 234 -8.61 -19.16 -7.28
C ARG A 234 -7.22 -19.49 -7.73
N ASP A 235 -7.01 -19.63 -9.05
CA ASP A 235 -5.71 -19.96 -9.63
C ASP A 235 -4.68 -18.87 -9.33
N LEU A 236 -4.95 -17.61 -9.74
CA LEU A 236 -4.09 -16.44 -9.48
C LEU A 236 -3.78 -16.27 -7.96
N ILE A 237 -4.81 -16.28 -7.09
CA ILE A 237 -4.60 -16.13 -5.62
C ILE A 237 -3.67 -17.24 -5.10
N SER A 238 -4.00 -18.52 -5.43
CA SER A 238 -3.21 -19.70 -5.03
C SER A 238 -1.78 -19.63 -5.50
N ARG A 239 -1.54 -19.09 -6.69
CA ARG A 239 -0.20 -18.88 -7.22
C ARG A 239 0.58 -17.85 -6.42
N LEU A 240 -0.08 -16.75 -5.99
CA LEU A 240 0.58 -15.65 -5.28
C LEU A 240 0.86 -15.97 -3.85
N LEU A 241 -0.03 -16.72 -3.20
CA LEU A 241 0.14 -17.08 -1.81
C LEU A 241 0.98 -18.33 -1.63
N LYS A 242 2.25 -18.27 -2.02
CA LYS A 242 3.20 -19.38 -1.89
C LYS A 242 4.12 -19.07 -0.73
N HIS A 243 4.24 -20.00 0.25
CA HIS A 243 5.12 -19.81 1.42
C HIS A 243 6.50 -19.46 0.97
N ASN A 244 6.95 -20.14 -0.08
CA ASN A 244 8.24 -19.98 -0.70
C ASN A 244 8.21 -18.76 -1.63
N PRO A 245 8.98 -17.69 -1.29
CA PRO A 245 8.98 -16.48 -2.14
C PRO A 245 9.34 -16.68 -3.59
N SER A 246 10.31 -17.58 -3.90
CA SER A 246 10.78 -17.95 -5.25
C SER A 246 9.66 -18.50 -6.14
N GLN A 247 8.71 -19.22 -5.54
CA GLN A 247 7.54 -19.82 -6.21
C GLN A 247 6.53 -18.79 -6.68
N ARG A 248 6.46 -17.63 -5.99
CA ARG A 248 5.54 -16.55 -6.35
C ARG A 248 5.84 -16.05 -7.77
N PRO A 249 4.81 -15.85 -8.62
CA PRO A 249 5.09 -15.43 -10.01
C PRO A 249 5.66 -14.04 -10.15
N MET A 250 6.23 -13.76 -11.33
CA MET A 250 6.72 -12.45 -11.72
C MET A 250 5.47 -11.60 -11.98
N LEU A 251 5.59 -10.26 -11.90
CA LEU A 251 4.47 -9.37 -12.13
C LEU A 251 4.00 -9.38 -13.57
N ARG A 252 4.93 -9.65 -14.51
CA ARG A 252 4.67 -9.85 -15.94
C ARG A 252 3.62 -10.95 -16.08
N GLU A 253 3.80 -12.07 -15.36
CA GLU A 253 2.85 -13.19 -15.36
C GLU A 253 1.46 -12.82 -14.81
N VAL A 254 1.42 -12.01 -13.72
CA VAL A 254 0.17 -11.54 -13.10
C VAL A 254 -0.65 -10.75 -14.12
N LEU A 255 0.01 -9.85 -14.85
CA LEU A 255 -0.63 -9.01 -15.86
C LEU A 255 -1.13 -9.78 -17.08
N GLU A 256 -0.43 -10.88 -17.40
CA GLU A 256 -0.76 -11.74 -18.54
C GLU A 256 -1.67 -12.91 -18.14
N HIS A 257 -1.94 -13.08 -16.82
CA HIS A 257 -2.80 -14.15 -16.32
C HIS A 257 -4.19 -14.12 -17.00
N PRO A 258 -4.69 -15.30 -17.46
CA PRO A 258 -5.99 -15.34 -18.17
C PRO A 258 -7.19 -14.69 -17.49
N TRP A 259 -7.28 -14.80 -16.15
CA TRP A 259 -8.39 -14.19 -15.39
C TRP A 259 -8.24 -12.66 -15.34
N ILE A 260 -7.00 -12.15 -15.30
CA ILE A 260 -6.71 -10.72 -15.28
C ILE A 260 -7.04 -10.12 -16.67
N THR A 261 -6.51 -10.72 -17.74
CA THR A 261 -6.74 -10.26 -19.12
C THR A 261 -8.21 -10.30 -19.52
N ALA A 262 -8.99 -11.26 -18.97
CA ALA A 262 -10.42 -11.42 -19.25
C ALA A 262 -11.34 -10.46 -18.50
N ASN A 263 -10.92 -9.97 -17.32
CA ASN A 263 -11.79 -9.10 -16.51
C ASN A 263 -11.25 -7.67 -16.32
N SER A 264 -9.97 -7.43 -16.61
CA SER A 264 -9.38 -6.11 -16.44
C SER A 264 -9.85 -5.14 -17.52
N SER A 265 -10.26 -3.93 -17.08
CA SER A 265 -10.79 -2.84 -17.91
C SER A 265 -9.74 -1.77 -18.14
PB ADP B . 0.37 6.18 7.80
O1B ADP B . -0.51 4.93 7.73
O2B ADP B . 0.33 6.78 9.15
O3B ADP B . 1.76 5.86 7.38
PA ADP B . -0.85 7.30 5.38
O1A ADP B . -1.19 5.88 5.02
O2A ADP B . 0.17 7.90 4.48
O3A ADP B . -0.28 7.32 6.88
O5' ADP B . -2.18 8.13 5.58
C5' ADP B . -3.20 7.82 6.56
C4' ADP B . -4.58 7.95 5.93
O4' ADP B . -4.80 9.32 5.51
C3' ADP B . -4.80 7.13 4.66
O3' ADP B . -5.06 5.76 4.94
C2' ADP B . -5.93 7.90 3.98
O2' ADP B . -7.17 7.63 4.63
C1' ADP B . -5.49 9.34 4.26
N9 ADP B . -4.61 9.89 3.23
C8 ADP B . -3.25 9.82 3.18
N7 ADP B . -2.71 10.40 2.13
C5 ADP B . -3.80 10.91 1.46
C6 ADP B . -3.91 11.66 0.26
N6 ADP B . -2.85 12.03 -0.47
N1 ADP B . -5.15 11.99 -0.17
C2 ADP B . -6.21 11.60 0.55
N3 ADP B . -6.22 10.90 1.70
C4 ADP B . -4.99 10.59 2.10
MG MG C . -1.17 4.01 5.96
MG MG D . 2.53 4.17 6.81
C1 GOL E . 13.64 25.04 9.27
O1 GOL E . 13.87 24.28 8.08
C2 GOL E . 13.81 24.18 10.49
O2 GOL E . 13.50 22.83 10.17
C3 GOL E . 12.88 24.66 11.58
O3 GOL E . 13.05 23.90 12.77
C1 GOL F . 7.98 -6.67 -14.34
O1 GOL F . 6.78 -6.64 -15.11
C2 GOL F . 7.97 -7.86 -13.40
O2 GOL F . 8.26 -9.04 -14.14
C3 GOL F . 8.94 -7.71 -12.25
O3 GOL F . 8.61 -8.61 -11.19
C1 GOL G . 6.46 28.13 9.68
O1 GOL G . 5.58 28.73 8.75
C2 GOL G . 6.08 26.70 9.93
O2 GOL G . 6.83 25.80 9.08
C3 GOL G . 6.12 26.26 11.38
O3 GOL G . 5.06 26.84 12.13
C1 GOL H . -11.72 -16.85 -16.36
O1 GOL H . -10.40 -17.32 -16.09
C2 GOL H . -12.44 -16.49 -15.08
O2 GOL H . -12.78 -17.68 -14.34
C3 GOL H . -13.67 -15.65 -15.32
O3 GOL H . -14.32 -15.31 -14.09
C1 GOL I . 7.01 26.21 14.88
O1 GOL I . 8.37 26.37 14.50
C2 GOL I . 6.87 25.29 16.06
O2 GOL I . 6.60 26.06 17.24
C3 GOL I . 5.76 24.27 15.83
O3 GOL I . 5.30 23.65 17.03
C1 T5L J . 6.11 6.45 9.47
C2 T5L J . 5.96 4.95 9.13
C3 T5L J . 4.53 4.48 8.99
O1 T5L J . 4.14 7.67 9.64
O3 T5L J . 3.86 3.97 9.89
O2 T5L J . 4.13 4.65 7.77
C4 T5L J . 6.86 4.11 10.02
C5 T5L J . 8.32 4.52 9.87
C6 T5L J . 8.52 6.03 10.08
C7 T5L J . 7.55 6.88 9.23
C T5L J . 5.08 7.33 8.81
O T5L J . 5.17 7.77 7.68
S SO4 K . -1.10 -20.04 20.00
O1 SO4 K . -1.76 -19.84 21.28
O2 SO4 K . -0.91 -21.50 19.79
O3 SO4 K . -1.90 -19.45 18.93
O4 SO4 K . 0.20 -19.39 20.03
S SO4 L . 2.87 -23.29 -0.16
O1 SO4 L . 2.99 -23.56 1.27
O2 SO4 L . 1.74 -22.37 -0.39
O3 SO4 L . 2.63 -24.54 -0.88
O4 SO4 L . 4.11 -22.68 -0.66
S SO4 M . 17.61 0.93 2.03
O1 SO4 M . 16.39 1.24 1.34
O2 SO4 M . 17.28 0.04 3.16
O3 SO4 M . 18.23 2.19 2.50
O4 SO4 M . 18.55 0.28 1.11
S SO4 N . -9.66 32.60 -2.20
O1 SO4 N . -10.13 33.91 -1.74
O2 SO4 N . -10.21 31.57 -1.33
O3 SO4 N . -10.09 32.36 -3.58
O4 SO4 N . -8.19 32.57 -2.15
S SO4 O . 17.73 12.68 13.63
O1 SO4 O . 16.67 13.21 14.48
O2 SO4 O . 18.42 11.60 14.35
O3 SO4 O . 17.16 12.17 12.39
O4 SO4 O . 18.69 13.74 13.33
S SO4 P . 16.76 19.10 6.67
O1 SO4 P . 16.01 18.11 5.90
O2 SO4 P . 16.97 18.51 7.98
O3 SO4 P . 16.10 20.40 6.79
O4 SO4 P . 18.03 19.35 6.04
S DMS Q . -1.63 20.80 11.72
O DMS Q . -2.61 21.59 12.48
C1 DMS Q . -0.31 21.92 11.35
C2 DMS Q . -0.85 19.79 12.95
C1 T2O R . 14.30 16.11 14.27
C2 T2O R . 14.83 16.68 13.10
C3 T2O R . 14.48 16.19 11.83
C4 T2O R . 13.60 15.12 11.68
C5 T2O R . 13.25 14.71 10.29
C6 T2O R . 12.96 15.68 9.32
C7 T2O R . 12.63 15.32 8.02
C9 T2O R . 12.85 13.00 8.64
C10 T2O R . 13.20 13.38 9.92
C11 T2O R . 13.06 14.52 12.84
C12 T2O R . 12.15 13.45 13.08
C13 T2O R . 12.00 13.35 14.43
C14 T2O R . 13.43 15.04 14.10
C16 T2O R . 15.40 21.09 15.03
O2 T2O R . 15.82 21.09 12.51
S T2O R . 16.13 20.37 13.71
O1 T2O R . 17.50 20.03 13.99
C18 T2O R . 15.04 22.54 15.05
C17 T2O R . 13.97 21.53 14.90
N1 T2O R . 15.29 19.01 13.71
C15 T2O R . 15.77 17.83 13.14
O T2O R . 16.88 17.79 12.61
N T2O R . 12.76 14.31 15.06
C T2O R . 14.70 16.57 15.66
C8 T2O R . 12.55 13.97 7.70
CL T2O R . 12.01 13.50 6.12
#